data_1DJ0
#
_entry.id   1DJ0
#
_cell.length_a   68.080
_cell.length_b   37.400
_cell.length_c   103.480
_cell.angle_alpha   90.00
_cell.angle_beta   97.68
_cell.angle_gamma   90.00
#
_symmetry.space_group_name_H-M   'P 1 21 1'
#
loop_
_entity.id
_entity.type
_entity.pdbx_description
1 polymer 'PSEUDOURIDINE SYNTHASE I'
2 non-polymer 'CHLORIDE ION'
3 water water
#
_entity_poly.entity_id   1
_entity_poly.type   'polypeptide(L)'
_entity_poly.pdbx_seq_one_letter_code
;PPVYKIALGIEYDGSKYYGWQRQNEVRSVQEKLEKALSQVANEPITVFCAGRTDAGVHGTGQVVHFETTALRKDAAWTLG
VNANLPGDIAVRWVKTVPDDFHARFSATARRYRYIIYNHRLRPAVLSKGVTHFYEPLDAERMHRAAQCLLGENDFTSFRA
VQCQSRTPWRNVMHINVTRHGPYVVVDIKANAFVHHMVRNIVGSLMEVGAHNQPESWIAELLAAKDRTLAAATAKAEGLY
LVAVDYPDRYDLPKPPMGPLFLAD
;
_entity_poly.pdbx_strand_id   A,B
#
# COMPACT_ATOMS: atom_id res chain seq x y z
N PRO A 1 14.71 42.88 6.29
CA PRO A 1 14.26 41.47 6.42
C PRO A 1 14.30 40.69 5.13
N PRO A 2 14.81 39.47 5.19
CA PRO A 2 14.83 38.62 4.02
C PRO A 2 13.47 37.95 3.79
N VAL A 3 13.40 37.48 2.56
CA VAL A 3 12.30 36.64 2.10
C VAL A 3 13.05 35.33 1.79
N TYR A 4 12.60 34.26 2.40
CA TYR A 4 13.29 32.98 2.16
C TYR A 4 12.50 32.14 1.15
N LYS A 5 13.19 31.41 0.31
CA LYS A 5 12.53 30.52 -0.65
C LYS A 5 12.92 29.12 -0.22
N ILE A 6 11.88 28.31 0.00
CA ILE A 6 12.04 26.97 0.56
C ILE A 6 11.40 25.92 -0.34
N ALA A 7 12.08 24.79 -0.48
CA ALA A 7 11.51 23.67 -1.25
C ALA A 7 11.18 22.53 -0.28
N LEU A 8 10.12 21.82 -0.63
CA LEU A 8 9.74 20.66 0.20
C LEU A 8 9.43 19.47 -0.71
N GLY A 9 9.80 18.29 -0.20
CA GLY A 9 9.35 17.05 -0.92
C GLY A 9 8.03 16.67 -0.25
N ILE A 10 6.97 16.43 -1.05
CA ILE A 10 5.65 16.10 -0.53
C ILE A 10 5.19 14.73 -1.00
N GLU A 11 4.61 13.93 -0.08
CA GLU A 11 4.00 12.66 -0.42
C GLU A 11 2.51 12.75 -0.10
N TYR A 12 1.68 12.05 -0.86
CA TYR A 12 0.25 12.03 -0.58
C TYR A 12 -0.43 10.83 -1.21
N ASP A 13 -1.40 10.32 -0.45
CA ASP A 13 -2.42 9.38 -0.96
C ASP A 13 -3.49 10.28 -1.59
N GLY A 14 -3.70 10.20 -2.90
CA GLY A 14 -4.61 11.06 -3.63
C GLY A 14 -6.07 10.66 -3.57
N SER A 15 -6.40 9.52 -2.94
CA SER A 15 -7.75 8.96 -3.07
C SER A 15 -8.88 9.79 -2.47
N LYS A 16 -8.60 10.60 -1.48
CA LYS A 16 -9.68 11.42 -0.90
C LYS A 16 -9.66 12.85 -1.40
N TYR A 17 -8.86 13.17 -2.41
CA TYR A 17 -8.76 14.52 -2.95
C TYR A 17 -9.18 14.47 -4.41
N TYR A 18 -9.51 15.68 -4.87
CA TYR A 18 -9.89 15.86 -6.27
C TYR A 18 -8.74 16.54 -7.03
N GLY A 19 -7.54 16.00 -6.78
CA GLY A 19 -6.29 16.38 -7.41
C GLY A 19 -5.45 17.37 -6.61
N TRP A 20 -4.29 17.76 -7.15
CA TRP A 20 -3.41 18.68 -6.48
C TRP A 20 -3.98 20.10 -6.40
N GLN A 21 -4.40 20.63 -7.58
CA GLN A 21 -4.69 22.08 -7.63
C GLN A 21 -5.95 22.46 -6.86
N ARG A 22 -5.87 23.58 -6.13
CA ARG A 22 -7.04 24.05 -5.39
C ARG A 22 -8.03 24.75 -6.32
N GLN A 23 -7.60 25.30 -7.42
CA GLN A 23 -8.51 25.99 -8.35
C GLN A 23 -9.64 25.09 -8.81
N ASN A 24 -10.87 25.58 -8.60
CA ASN A 24 -12.12 24.98 -8.97
C ASN A 24 -12.48 23.68 -8.22
N GLU A 25 -11.83 23.40 -7.10
CA GLU A 25 -12.10 22.12 -6.42
C GLU A 25 -12.33 22.31 -4.92
N VAL A 26 -13.27 21.55 -4.34
CA VAL A 26 -13.54 21.72 -2.92
C VAL A 26 -12.47 21.08 -2.04
N ARG A 27 -11.89 20.02 -2.56
CA ARG A 27 -11.00 19.11 -1.83
C ARG A 27 -9.72 18.91 -2.61
N SER A 28 -8.64 19.56 -2.24
CA SER A 28 -7.37 19.45 -3.00
C SER A 28 -6.21 19.24 -2.07
N VAL A 29 -5.12 18.67 -2.62
CA VAL A 29 -3.92 18.56 -1.83
C VAL A 29 -3.33 19.92 -1.53
N GLN A 30 -3.27 20.81 -2.55
CA GLN A 30 -2.69 22.12 -2.39
C GLN A 30 -3.35 22.91 -1.26
N GLU A 31 -4.71 22.85 -1.19
CA GLU A 31 -5.34 23.61 -0.09
C GLU A 31 -4.86 23.15 1.28
N LYS A 32 -4.80 21.83 1.49
CA LYS A 32 -4.35 21.32 2.78
C LYS A 32 -2.94 21.74 3.11
N LEU A 33 -2.00 21.66 2.15
CA LEU A 33 -0.61 22.03 2.39
C LEU A 33 -0.45 23.53 2.63
N GLU A 34 -1.17 24.36 1.84
CA GLU A 34 -1.11 25.79 2.09
C GLU A 34 -1.72 26.11 3.44
N LYS A 35 -2.76 25.43 3.89
CA LYS A 35 -3.27 25.75 5.24
C LYS A 35 -2.23 25.41 6.27
N ALA A 36 -1.61 24.22 6.13
CA ALA A 36 -0.57 23.82 7.07
C ALA A 36 0.64 24.73 7.13
N LEU A 37 1.16 25.17 5.98
CA LEU A 37 2.28 26.07 5.95
C LEU A 37 1.89 27.47 6.48
N SER A 38 0.65 27.90 6.22
CA SER A 38 0.28 29.24 6.68
C SER A 38 0.25 29.28 8.21
N GLN A 39 -0.20 28.18 8.80
CA GLN A 39 -0.19 28.11 10.28
C GLN A 39 1.22 28.15 10.82
N VAL A 40 2.20 27.43 10.25
CA VAL A 40 3.58 27.43 10.70
C VAL A 40 4.28 28.78 10.46
N ALA A 41 4.01 29.39 9.31
CA ALA A 41 4.59 30.66 8.93
C ALA A 41 3.91 31.86 9.56
N ASN A 42 2.69 31.72 10.09
CA ASN A 42 1.93 32.86 10.64
C ASN A 42 1.67 33.92 9.59
N GLU A 43 1.44 33.47 8.36
CA GLU A 43 1.15 34.39 7.25
C GLU A 43 0.63 33.53 6.09
N PRO A 44 -0.13 34.06 5.17
CA PRO A 44 -0.64 33.33 4.04
C PRO A 44 0.47 32.82 3.12
N ILE A 45 0.53 31.48 2.89
CA ILE A 45 1.55 30.90 2.02
C ILE A 45 0.92 30.29 0.75
N THR A 46 1.62 30.50 -0.35
CA THR A 46 1.22 29.92 -1.65
C THR A 46 2.34 28.99 -2.11
N VAL A 47 1.96 27.77 -2.48
CA VAL A 47 2.99 26.85 -2.98
C VAL A 47 2.85 26.67 -4.48
N PHE A 48 3.97 26.27 -5.10
CA PHE A 48 4.11 26.03 -6.53
C PHE A 48 4.65 24.60 -6.70
N CYS A 49 3.95 23.74 -7.45
CA CYS A 49 4.36 22.34 -7.54
C CYS A 49 5.11 22.04 -8.83
N ALA A 50 5.85 20.92 -8.77
CA ALA A 50 6.63 20.49 -9.92
C ALA A 50 5.73 19.93 -11.01
N GLY A 51 4.68 19.20 -10.58
CA GLY A 51 3.78 18.60 -11.56
C GLY A 51 2.38 18.43 -10.97
N ARG A 52 1.39 19.10 -11.55
CA ARG A 52 0.03 18.97 -11.00
C ARG A 52 -0.45 17.57 -11.27
N THR A 53 -1.10 16.91 -10.31
CA THR A 53 -1.66 15.58 -10.48
C THR A 53 -3.19 15.64 -10.42
N ASP A 54 -3.80 14.79 -11.23
CA ASP A 54 -5.27 14.77 -11.39
C ASP A 54 -5.94 14.09 -10.24
N ALA A 55 -7.29 14.16 -10.23
CA ALA A 55 -8.02 13.52 -9.12
C ALA A 55 -7.71 12.04 -8.99
N GLY A 56 -7.45 11.57 -7.79
CA GLY A 56 -7.16 10.20 -7.44
C GLY A 56 -5.69 9.81 -7.56
N VAL A 57 -4.91 10.63 -8.24
CA VAL A 57 -3.48 10.30 -8.45
C VAL A 57 -2.65 10.62 -7.23
N HIS A 58 -1.63 9.79 -6.97
CA HIS A 58 -0.78 9.85 -5.82
C HIS A 58 0.57 10.48 -6.07
N GLY A 59 1.28 10.79 -4.97
CA GLY A 59 2.62 11.36 -5.14
C GLY A 59 3.55 10.81 -4.06
N THR A 60 4.77 10.44 -4.46
CA THR A 60 5.82 10.19 -3.49
C THR A 60 6.96 11.20 -3.71
N GLY A 61 7.17 11.67 -4.95
CA GLY A 61 8.24 12.55 -5.35
C GLY A 61 7.84 13.95 -5.77
N GLN A 62 6.64 14.35 -5.42
CA GLN A 62 6.25 15.77 -5.64
C GLN A 62 7.21 16.70 -4.91
N VAL A 63 7.46 17.88 -5.54
CA VAL A 63 8.27 18.90 -4.94
C VAL A 63 7.51 20.25 -5.10
N VAL A 64 7.56 21.03 -4.01
CA VAL A 64 7.00 22.39 -4.13
C VAL A 64 8.05 23.41 -3.71
N HIS A 65 7.80 24.66 -4.08
CA HIS A 65 8.57 25.74 -3.43
C HIS A 65 7.54 26.76 -2.92
N PHE A 66 7.99 27.59 -1.94
CA PHE A 66 7.15 28.70 -1.50
C PHE A 66 8.12 29.75 -0.95
N GLU A 67 7.62 30.98 -0.86
CA GLU A 67 8.41 32.07 -0.24
C GLU A 67 7.74 32.41 1.09
N THR A 68 8.58 32.82 2.05
CA THR A 68 8.05 33.21 3.37
C THR A 68 8.99 34.26 3.95
N THR A 69 8.43 35.05 4.87
CA THR A 69 9.23 35.97 5.67
C THR A 69 9.59 35.27 6.98
N ALA A 70 9.06 34.08 7.24
CA ALA A 70 9.32 33.38 8.49
C ALA A 70 10.62 32.59 8.53
N LEU A 71 11.49 32.96 9.46
CA LEU A 71 12.72 32.24 9.70
C LEU A 71 12.39 31.15 10.73
N ARG A 72 12.47 29.89 10.32
CA ARG A 72 12.14 28.76 11.18
C ARG A 72 13.23 27.69 11.02
N LYS A 73 13.34 26.81 12.02
CA LYS A 73 14.30 25.72 11.94
C LYS A 73 13.68 24.63 11.05
N ASP A 74 14.53 23.73 10.55
CA ASP A 74 13.98 22.70 9.65
C ASP A 74 12.86 21.87 10.27
N ALA A 75 12.89 21.62 11.59
CA ALA A 75 11.81 20.90 12.25
C ALA A 75 10.42 21.51 12.12
N ALA A 76 10.32 22.86 12.08
CA ALA A 76 9.02 23.51 11.92
C ALA A 76 8.45 23.23 10.53
N TRP A 77 9.33 23.19 9.52
CA TRP A 77 8.84 22.95 8.15
C TRP A 77 8.56 21.48 7.85
N THR A 78 8.88 20.62 8.82
CA THR A 78 8.67 19.18 8.59
C THR A 78 7.71 18.61 9.64
N LEU A 79 8.20 18.45 10.90
CA LEU A 79 7.32 18.00 11.97
C LEU A 79 6.19 18.99 12.19
N GLY A 80 6.47 20.31 12.20
CA GLY A 80 5.44 21.31 12.47
C GLY A 80 4.34 21.22 11.42
N VAL A 81 4.80 21.27 10.14
CA VAL A 81 3.86 21.19 9.02
C VAL A 81 3.06 19.89 9.09
N ASN A 82 3.73 18.75 9.31
CA ASN A 82 3.02 17.46 9.37
C ASN A 82 1.98 17.42 10.48
N ALA A 83 2.27 18.15 11.60
CA ALA A 83 1.27 18.22 12.66
C ALA A 83 -0.01 18.92 12.26
N ASN A 84 0.05 19.78 11.25
CA ASN A 84 -1.07 20.56 10.75
C ASN A 84 -1.66 20.00 9.46
N LEU A 85 -1.23 18.83 9.04
CA LEU A 85 -1.74 18.13 7.86
C LEU A 85 -2.52 16.87 8.22
N PRO A 86 -3.44 16.46 7.35
CA PRO A 86 -4.17 15.21 7.51
C PRO A 86 -3.16 14.08 7.30
N GLY A 87 -3.64 12.90 7.74
CA GLY A 87 -2.78 11.70 7.73
C GLY A 87 -2.39 11.19 6.35
N ASP A 88 -3.08 11.65 5.31
CA ASP A 88 -2.79 11.15 3.97
C ASP A 88 -1.97 12.17 3.18
N ILE A 89 -1.37 13.17 3.81
CA ILE A 89 -0.43 14.07 3.12
C ILE A 89 0.74 14.22 4.09
N ALA A 90 1.96 14.27 3.60
CA ALA A 90 3.10 14.49 4.48
C ALA A 90 4.30 15.12 3.83
N VAL A 91 5.03 15.95 4.56
CA VAL A 91 6.32 16.45 4.11
C VAL A 91 7.38 15.35 4.29
N ARG A 92 8.25 15.15 3.31
CA ARG A 92 9.32 14.18 3.42
C ARG A 92 10.65 14.87 3.72
N TRP A 93 10.84 16.12 3.32
CA TRP A 93 12.07 16.86 3.57
C TRP A 93 11.88 18.36 3.26
N VAL A 94 12.80 19.16 3.80
CA VAL A 94 12.87 20.59 3.55
C VAL A 94 14.26 21.01 3.08
N LYS A 95 14.37 21.96 2.12
CA LYS A 95 15.69 22.47 1.73
C LYS A 95 15.52 23.95 1.36
N THR A 96 16.35 24.84 1.93
CA THR A 96 16.27 26.25 1.52
C THR A 96 16.93 26.27 0.16
N VAL A 97 16.41 27.07 -0.78
CA VAL A 97 16.96 27.14 -2.13
C VAL A 97 17.25 28.57 -2.58
N PRO A 98 18.07 28.75 -3.60
CA PRO A 98 18.31 30.06 -4.17
C PRO A 98 17.05 30.74 -4.68
N ASP A 99 17.15 32.06 -4.91
CA ASP A 99 16.04 32.81 -5.45
C ASP A 99 15.62 32.42 -6.85
N ASP A 100 16.58 31.85 -7.58
CA ASP A 100 16.36 31.47 -8.97
C ASP A 100 15.68 30.11 -9.08
N PHE A 101 15.31 29.46 -7.99
CA PHE A 101 14.66 28.14 -8.11
C PHE A 101 13.16 28.28 -8.30
N HIS A 102 12.58 27.35 -9.05
CA HIS A 102 11.12 27.29 -9.23
C HIS A 102 10.82 25.81 -9.36
N ALA A 103 9.92 25.32 -8.51
CA ALA A 103 9.63 23.86 -8.50
C ALA A 103 9.17 23.36 -9.84
N ARG A 104 8.52 24.20 -10.67
CA ARG A 104 8.10 23.80 -12.00
C ARG A 104 9.21 24.08 -13.01
N PHE A 105 9.57 25.39 -13.10
CA PHE A 105 10.47 25.81 -14.18
C PHE A 105 11.91 25.39 -14.03
N SER A 106 12.35 25.03 -12.80
CA SER A 106 13.74 24.55 -12.70
C SER A 106 13.80 23.04 -13.02
N ALA A 107 12.67 22.33 -12.99
CA ALA A 107 12.69 20.88 -13.20
C ALA A 107 12.93 20.58 -14.66
N THR A 108 13.67 19.50 -14.90
CA THR A 108 13.95 19.09 -16.28
C THR A 108 13.24 17.81 -16.69
N ALA A 109 12.60 17.11 -15.76
CA ALA A 109 11.92 15.87 -16.09
C ALA A 109 11.03 15.45 -14.91
N ARG A 110 9.98 14.67 -15.21
CA ARG A 110 9.11 14.07 -14.20
C ARG A 110 9.02 12.56 -14.53
N ARG A 111 8.91 11.78 -13.46
CA ARG A 111 8.89 10.32 -13.58
C ARG A 111 7.67 9.78 -12.83
N TYR A 112 6.95 8.84 -13.44
CA TYR A 112 5.80 8.23 -12.80
C TYR A 112 5.91 6.69 -12.80
N ARG A 113 5.37 6.07 -11.75
CA ARG A 113 5.18 4.63 -11.77
C ARG A 113 3.68 4.36 -11.74
N TYR A 114 3.20 3.40 -12.52
CA TYR A 114 1.78 3.07 -12.57
C TYR A 114 1.66 1.62 -12.17
N ILE A 115 0.91 1.34 -11.10
CA ILE A 115 0.80 0.03 -10.51
C ILE A 115 -0.53 -0.67 -10.88
N ILE A 116 -0.36 -1.76 -11.64
CA ILE A 116 -1.47 -2.59 -12.03
C ILE A 116 -1.52 -3.86 -11.17
N TYR A 117 -2.69 -4.21 -10.62
CA TYR A 117 -2.90 -5.48 -9.93
C TYR A 117 -3.63 -6.40 -10.93
N ASN A 118 -2.94 -7.47 -11.37
CA ASN A 118 -3.42 -8.26 -12.49
C ASN A 118 -3.92 -9.65 -12.14
N HIS A 119 -4.77 -9.75 -11.17
CA HIS A 119 -5.51 -11.01 -10.91
C HIS A 119 -6.90 -10.93 -11.53
N ARG A 120 -7.60 -12.05 -11.70
CA ARG A 120 -8.98 -12.01 -12.11
C ARG A 120 -9.85 -11.26 -11.08
N LEU A 121 -9.66 -11.46 -9.77
CA LEU A 121 -10.46 -10.87 -8.73
C LEU A 121 -9.82 -9.58 -8.18
N ARG A 122 -10.67 -8.61 -7.82
CA ARG A 122 -10.16 -7.34 -7.35
C ARG A 122 -9.50 -7.40 -5.98
N PRO A 123 -8.54 -6.53 -5.73
CA PRO A 123 -7.87 -6.48 -4.45
C PRO A 123 -8.68 -5.71 -3.41
N ALA A 124 -8.28 -5.89 -2.15
CA ALA A 124 -8.87 -5.10 -1.05
C ALA A 124 -7.84 -4.23 -0.38
N VAL A 125 -6.58 -4.66 -0.25
CA VAL A 125 -5.55 -3.88 0.39
C VAL A 125 -5.01 -2.89 -0.67
N LEU A 126 -4.94 -1.63 -0.24
CA LEU A 126 -4.53 -0.55 -1.15
C LEU A 126 -5.47 -0.49 -2.35
N SER A 127 -6.79 -0.69 -2.14
CA SER A 127 -7.73 -0.70 -3.24
C SER A 127 -7.83 0.59 -4.08
N LYS A 128 -7.48 1.72 -3.51
CA LYS A 128 -7.52 2.99 -4.24
C LYS A 128 -6.10 3.42 -4.58
N GLY A 129 -5.13 2.50 -4.48
CA GLY A 129 -3.75 2.83 -4.82
C GLY A 129 -3.15 1.90 -5.85
N VAL A 130 -3.95 1.04 -6.44
CA VAL A 130 -3.52 0.12 -7.49
C VAL A 130 -4.69 0.10 -8.48
N THR A 131 -4.41 -0.15 -9.76
CA THR A 131 -5.45 -0.31 -10.77
C THR A 131 -5.69 -1.80 -11.01
N HIS A 132 -6.94 -2.23 -10.81
CA HIS A 132 -7.22 -3.64 -11.09
C HIS A 132 -7.50 -3.81 -12.60
N PHE A 133 -6.77 -4.70 -13.23
CA PHE A 133 -6.97 -5.02 -14.66
C PHE A 133 -7.17 -6.55 -14.70
N TYR A 134 -8.38 -7.00 -15.06
CA TYR A 134 -8.72 -8.41 -14.92
C TYR A 134 -8.20 -9.33 -15.99
N GLU A 135 -7.96 -8.89 -17.23
CA GLU A 135 -7.44 -9.79 -18.27
C GLU A 135 -5.94 -10.00 -18.08
N PRO A 136 -5.38 -11.19 -18.21
CA PRO A 136 -3.98 -11.47 -18.03
C PRO A 136 -3.06 -10.65 -18.92
N LEU A 137 -2.00 -10.09 -18.32
CA LEU A 137 -1.09 -9.29 -19.13
C LEU A 137 0.30 -9.88 -19.31
N ASP A 138 0.88 -9.72 -20.50
CA ASP A 138 2.23 -10.11 -20.84
C ASP A 138 3.11 -8.87 -20.65
N ALA A 139 3.77 -8.79 -19.50
CA ALA A 139 4.56 -7.57 -19.23
C ALA A 139 5.69 -7.38 -20.23
N GLU A 140 6.38 -8.46 -20.66
CA GLU A 140 7.52 -8.34 -21.58
C GLU A 140 7.06 -7.79 -22.94
N ARG A 141 5.89 -8.23 -23.38
CA ARG A 141 5.29 -7.75 -24.61
C ARG A 141 4.96 -6.26 -24.50
N MET A 142 4.42 -5.87 -23.35
CA MET A 142 4.19 -4.45 -23.11
C MET A 142 5.47 -3.62 -23.16
N HIS A 143 6.53 -4.13 -22.51
CA HIS A 143 7.82 -3.48 -22.51
C HIS A 143 8.32 -3.23 -23.94
N ARG A 144 8.37 -4.36 -24.70
CA ARG A 144 8.88 -4.22 -26.08
C ARG A 144 8.07 -3.25 -26.90
N ALA A 145 6.75 -3.27 -26.82
CA ALA A 145 5.85 -2.40 -27.58
C ALA A 145 5.98 -0.93 -27.18
N ALA A 146 6.46 -0.68 -25.96
CA ALA A 146 6.56 0.71 -25.49
C ALA A 146 7.77 1.47 -25.97
N GLN A 147 8.81 0.73 -26.40
CA GLN A 147 10.08 1.41 -26.68
C GLN A 147 10.05 2.38 -27.85
N CYS A 148 9.07 2.23 -28.75
CA CYS A 148 8.95 3.20 -29.85
C CYS A 148 8.58 4.60 -29.34
N LEU A 149 8.15 4.73 -28.09
CA LEU A 149 7.84 6.03 -27.51
C LEU A 149 9.05 6.85 -27.11
N LEU A 150 10.23 6.26 -26.98
CA LEU A 150 11.44 6.98 -26.60
C LEU A 150 11.75 8.18 -27.51
N GLY A 151 12.33 9.17 -26.84
CA GLY A 151 12.81 10.39 -27.49
C GLY A 151 11.73 11.39 -27.83
N GLU A 152 12.09 12.36 -28.70
CA GLU A 152 11.14 13.37 -29.12
C GLU A 152 10.07 12.75 -29.99
N ASN A 153 8.79 12.96 -29.64
CA ASN A 153 7.74 12.33 -30.42
C ASN A 153 6.49 13.22 -30.25
N ASP A 154 5.63 13.11 -31.25
CA ASP A 154 4.35 13.79 -31.28
C ASP A 154 3.38 12.84 -30.57
N PHE A 155 2.91 13.28 -29.40
CA PHE A 155 2.04 12.41 -28.59
C PHE A 155 0.57 12.69 -28.80
N THR A 156 0.20 13.23 -29.99
CA THR A 156 -1.22 13.49 -30.28
C THR A 156 -2.17 12.34 -29.97
N SER A 157 -1.82 11.08 -30.36
CA SER A 157 -2.69 9.95 -30.10
C SER A 157 -2.86 9.60 -28.62
N PHE A 158 -2.01 10.20 -27.76
CA PHE A 158 -2.08 9.90 -26.32
C PHE A 158 -2.43 11.14 -25.52
N ARG A 159 -2.96 12.16 -26.22
CA ARG A 159 -3.28 13.43 -25.56
C ARG A 159 -4.76 13.63 -25.36
N ALA A 160 -5.21 14.01 -24.18
CA ALA A 160 -6.63 14.30 -23.98
C ALA A 160 -7.06 15.55 -24.74
N VAL A 161 -8.32 15.65 -25.11
CA VAL A 161 -8.84 16.85 -25.78
C VAL A 161 -8.70 18.14 -25.00
N GLN A 162 -8.67 18.12 -23.68
CA GLN A 162 -8.57 19.31 -22.85
C GLN A 162 -7.17 19.90 -22.84
N CYS A 163 -6.16 19.25 -23.41
CA CYS A 163 -4.80 19.78 -23.39
C CYS A 163 -4.74 21.04 -24.26
N GLN A 164 -4.19 22.10 -23.67
CA GLN A 164 -4.05 23.34 -24.42
C GLN A 164 -2.60 23.54 -24.84
N SER A 165 -1.69 22.58 -24.63
CA SER A 165 -0.31 22.99 -24.98
C SER A 165 -0.21 23.35 -26.45
N ARG A 166 0.74 24.26 -26.74
CA ARG A 166 1.14 24.40 -28.15
C ARG A 166 1.74 22.99 -28.31
N THR A 167 2.27 22.57 -29.41
CA THR A 167 2.83 21.26 -29.58
C THR A 167 2.53 20.15 -28.59
N PRO A 168 2.21 19.04 -29.29
CA PRO A 168 1.99 17.74 -28.63
C PRO A 168 3.34 17.02 -28.51
N TRP A 169 4.46 17.61 -28.92
CA TRP A 169 5.80 17.04 -28.88
C TRP A 169 6.39 17.10 -27.49
N ARG A 170 6.84 15.92 -26.98
CA ARG A 170 7.51 15.83 -25.70
C ARG A 170 8.68 14.82 -25.89
N ASN A 171 9.54 14.72 -24.90
CA ASN A 171 10.68 13.81 -24.99
C ASN A 171 10.58 12.73 -23.92
N VAL A 172 10.32 11.48 -24.32
CA VAL A 172 10.28 10.38 -23.36
C VAL A 172 11.70 9.88 -23.14
N MET A 173 12.13 10.00 -21.92
CA MET A 173 13.51 9.71 -21.50
C MET A 173 13.68 8.23 -21.25
N HIS A 174 12.67 7.60 -20.62
CA HIS A 174 12.73 6.14 -20.51
C HIS A 174 11.30 5.62 -20.37
N ILE A 175 11.12 4.34 -20.64
CA ILE A 175 9.82 3.68 -20.36
C ILE A 175 10.09 2.18 -20.19
N ASN A 176 9.61 1.65 -19.06
CA ASN A 176 9.82 0.22 -18.84
C ASN A 176 8.55 -0.44 -18.29
N VAL A 177 8.35 -1.72 -18.61
CA VAL A 177 7.22 -2.44 -18.00
C VAL A 177 7.75 -3.71 -17.36
N THR A 178 7.53 -3.96 -16.09
CA THR A 178 8.05 -5.14 -15.40
C THR A 178 6.97 -5.78 -14.55
N ARG A 179 6.98 -7.09 -14.40
CA ARG A 179 6.05 -7.78 -13.51
C ARG A 179 6.72 -8.05 -12.17
N HIS A 180 5.95 -7.89 -11.10
CA HIS A 180 6.34 -8.15 -9.72
C HIS A 180 5.24 -9.04 -9.14
N GLY A 181 5.36 -10.35 -9.22
CA GLY A 181 4.27 -11.22 -8.74
C GLY A 181 3.01 -10.95 -9.58
N PRO A 182 1.89 -10.66 -8.94
CA PRO A 182 0.66 -10.38 -9.63
C PRO A 182 0.55 -8.91 -10.10
N TYR A 183 1.57 -8.13 -9.76
CA TYR A 183 1.55 -6.73 -10.18
C TYR A 183 2.32 -6.51 -11.49
N VAL A 184 1.86 -5.49 -12.25
CA VAL A 184 2.62 -5.08 -13.43
C VAL A 184 2.86 -3.57 -13.25
N VAL A 185 4.13 -3.16 -13.39
CA VAL A 185 4.50 -1.76 -13.13
C VAL A 185 5.03 -1.10 -14.37
N VAL A 186 4.45 0.07 -14.73
CA VAL A 186 4.94 0.86 -15.89
C VAL A 186 5.71 2.00 -15.28
N ASP A 187 6.94 2.23 -15.70
CA ASP A 187 7.79 3.32 -15.15
C ASP A 187 8.15 4.23 -16.31
N ILE A 188 7.72 5.49 -16.31
CA ILE A 188 7.96 6.33 -17.49
C ILE A 188 8.49 7.69 -17.06
N LYS A 189 9.46 8.24 -17.75
CA LYS A 189 10.06 9.54 -17.43
C LYS A 189 10.08 10.40 -18.70
N ALA A 190 9.67 11.65 -18.62
CA ALA A 190 9.72 12.54 -19.80
C ALA A 190 10.09 13.93 -19.30
N ASN A 191 10.47 14.81 -20.24
CA ASN A 191 10.75 16.20 -19.82
C ASN A 191 9.49 16.80 -19.22
N ALA A 192 8.34 16.55 -19.84
CA ALA A 192 7.03 16.98 -19.38
C ALA A 192 5.96 16.17 -20.11
N PHE A 193 4.75 16.15 -19.52
CA PHE A 193 3.69 15.36 -20.12
C PHE A 193 2.50 16.16 -20.63
N VAL A 194 1.86 15.75 -21.69
CA VAL A 194 0.61 16.37 -22.16
C VAL A 194 -0.50 15.80 -21.30
N HIS A 195 -1.71 16.35 -21.35
CA HIS A 195 -2.79 15.96 -20.48
C HIS A 195 -3.19 14.50 -20.63
N HIS A 196 -3.15 13.72 -19.56
CA HIS A 196 -3.51 12.31 -19.55
C HIS A 196 -2.53 11.46 -20.36
N MET A 197 -1.34 12.00 -20.63
CA MET A 197 -0.38 11.24 -21.44
C MET A 197 -0.02 9.90 -20.78
N VAL A 198 0.28 9.89 -19.46
CA VAL A 198 0.71 8.62 -18.86
C VAL A 198 -0.40 7.57 -18.89
N ARG A 199 -1.59 7.95 -18.37
CA ARG A 199 -2.73 7.07 -18.32
C ARG A 199 -3.18 6.65 -19.72
N ASN A 200 -3.04 7.54 -20.73
CA ASN A 200 -3.40 7.12 -22.10
C ASN A 200 -2.36 6.12 -22.61
N ILE A 201 -1.07 6.35 -22.35
CA ILE A 201 -0.09 5.35 -22.83
C ILE A 201 -0.35 4.02 -22.11
N VAL A 202 -0.57 4.07 -20.78
CA VAL A 202 -0.81 2.80 -20.09
C VAL A 202 -2.06 2.11 -20.59
N GLY A 203 -3.14 2.85 -20.87
CA GLY A 203 -4.36 2.19 -21.39
C GLY A 203 -4.10 1.39 -22.66
N SER A 204 -3.32 1.99 -23.59
CA SER A 204 -3.05 1.26 -24.83
C SER A 204 -2.06 0.13 -24.60
N LEU A 205 -1.07 0.33 -23.72
CA LEU A 205 -0.16 -0.77 -23.38
C LEU A 205 -0.90 -1.96 -22.76
N MET A 206 -1.98 -1.71 -21.99
CA MET A 206 -2.60 -2.88 -21.37
C MET A 206 -3.33 -3.68 -22.44
N GLU A 207 -3.94 -3.03 -23.44
CA GLU A 207 -4.57 -3.75 -24.56
C GLU A 207 -3.55 -4.61 -25.29
N VAL A 208 -2.35 -4.10 -25.53
CA VAL A 208 -1.29 -4.90 -26.16
C VAL A 208 -0.92 -6.06 -25.23
N GLY A 209 -0.77 -5.78 -23.92
CA GLY A 209 -0.35 -6.82 -22.98
C GLY A 209 -1.39 -7.93 -22.84
N ALA A 210 -2.67 -7.59 -23.04
CA ALA A 210 -3.74 -8.60 -22.94
C ALA A 210 -3.96 -9.37 -24.24
N HIS A 211 -3.15 -9.07 -25.26
CA HIS A 211 -3.23 -9.73 -26.57
C HIS A 211 -4.46 -9.31 -27.34
N ASN A 212 -5.05 -8.16 -27.01
CA ASN A 212 -6.23 -7.64 -27.70
C ASN A 212 -5.80 -6.78 -28.89
N GLN A 213 -4.54 -6.30 -28.91
CA GLN A 213 -3.98 -5.49 -29.97
C GLN A 213 -2.56 -6.00 -30.23
N PRO A 214 -2.08 -5.88 -31.45
CA PRO A 214 -0.75 -6.38 -31.77
C PRO A 214 0.35 -5.59 -31.10
N GLU A 215 1.55 -6.18 -31.04
CA GLU A 215 2.70 -5.57 -30.41
C GLU A 215 3.10 -4.28 -31.13
N SER A 216 2.77 -4.20 -32.40
CA SER A 216 3.07 -3.01 -33.19
C SER A 216 2.12 -1.84 -32.94
N TRP A 217 1.07 -2.06 -32.13
CA TRP A 217 0.00 -1.08 -32.05
C TRP A 217 0.41 0.28 -31.51
N ILE A 218 1.30 0.29 -30.52
CA ILE A 218 1.75 1.59 -29.96
C ILE A 218 2.40 2.44 -31.07
N ALA A 219 3.25 1.84 -31.88
CA ALA A 219 3.88 2.59 -32.98
C ALA A 219 2.83 3.00 -34.01
N GLU A 220 1.85 2.13 -34.27
CA GLU A 220 0.81 2.51 -35.22
C GLU A 220 -0.02 3.68 -34.69
N LEU A 221 -0.37 3.68 -33.41
CA LEU A 221 -1.14 4.80 -32.85
C LEU A 221 -0.28 6.06 -32.85
N LEU A 222 1.01 5.93 -32.50
CA LEU A 222 1.89 7.11 -32.48
C LEU A 222 1.85 7.76 -33.85
N ALA A 223 2.02 6.96 -34.90
CA ALA A 223 2.05 7.51 -36.25
C ALA A 223 0.68 8.01 -36.73
N ALA A 224 -0.44 7.55 -36.18
CA ALA A 224 -1.74 7.94 -36.66
C ALA A 224 -2.22 9.35 -36.33
N LYS A 225 -1.71 9.90 -35.25
CA LYS A 225 -2.14 11.24 -34.83
C LYS A 225 -3.65 11.37 -34.69
N ASP A 226 -4.28 10.46 -33.94
CA ASP A 226 -5.72 10.53 -33.67
C ASP A 226 -5.97 9.81 -32.33
N ARG A 227 -6.23 10.57 -31.25
CA ARG A 227 -6.47 9.88 -29.97
C ARG A 227 -7.73 9.03 -30.01
N THR A 228 -8.71 9.25 -30.89
CA THR A 228 -9.89 8.40 -30.94
C THR A 228 -9.60 6.95 -31.34
N LEU A 229 -8.43 6.65 -31.88
CA LEU A 229 -8.11 5.28 -32.24
C LEU A 229 -7.56 4.51 -31.04
N ALA A 230 -7.05 5.24 -30.05
CA ALA A 230 -6.36 4.61 -28.91
C ALA A 230 -7.29 4.12 -27.83
N ALA A 231 -6.76 3.28 -26.94
CA ALA A 231 -7.57 2.73 -25.85
C ALA A 231 -8.07 3.79 -24.89
N ALA A 232 -9.09 3.39 -24.09
CA ALA A 232 -9.60 4.28 -23.05
C ALA A 232 -8.48 4.61 -22.05
N THR A 233 -8.61 5.79 -21.46
CA THR A 233 -7.64 6.29 -20.49
C THR A 233 -7.59 5.32 -19.31
N ALA A 234 -6.41 4.85 -18.87
CA ALA A 234 -6.36 4.00 -17.70
C ALA A 234 -6.79 4.75 -16.43
N LYS A 235 -7.24 3.95 -15.45
CA LYS A 235 -7.74 4.55 -14.19
C LYS A 235 -6.67 5.36 -13.47
N ALA A 236 -7.08 6.39 -12.73
CA ALA A 236 -6.17 7.17 -11.90
C ALA A 236 -5.53 6.43 -10.73
N GLU A 237 -6.22 5.45 -10.14
CA GLU A 237 -5.87 4.85 -8.86
C GLU A 237 -4.45 4.33 -8.78
N GLY A 238 -3.94 3.74 -9.88
CA GLY A 238 -2.58 3.21 -9.81
C GLY A 238 -1.46 4.23 -10.12
N LEU A 239 -1.74 5.50 -10.38
CA LEU A 239 -0.63 6.36 -10.84
C LEU A 239 0.01 7.12 -9.69
N TYR A 240 1.36 7.12 -9.71
CA TYR A 240 2.19 7.80 -8.75
C TYR A 240 3.23 8.71 -9.40
N LEU A 241 3.33 10.00 -8.99
CA LEU A 241 4.42 10.87 -9.35
C LEU A 241 5.58 10.51 -8.39
N VAL A 242 6.65 9.86 -8.91
CA VAL A 242 7.71 9.35 -8.06
C VAL A 242 9.02 10.09 -8.02
N ALA A 243 9.28 10.97 -9.01
CA ALA A 243 10.53 11.73 -8.98
C ALA A 243 10.50 12.90 -9.96
N VAL A 244 11.24 13.95 -9.56
CA VAL A 244 11.37 15.11 -10.45
C VAL A 244 12.88 15.41 -10.52
N ASP A 245 13.40 15.66 -11.70
CA ASP A 245 14.81 15.95 -11.86
C ASP A 245 15.05 17.47 -11.81
N TYR A 246 16.10 17.84 -11.06
CA TYR A 246 16.59 19.21 -10.98
C TYR A 246 18.12 19.25 -11.13
N PRO A 247 18.63 20.39 -11.56
CA PRO A 247 20.09 20.54 -11.66
C PRO A 247 20.73 20.21 -10.33
N ASP A 248 21.93 19.60 -10.44
CA ASP A 248 22.68 19.17 -9.27
C ASP A 248 23.05 20.31 -8.31
N ARG A 249 23.20 21.51 -8.85
CA ARG A 249 23.58 22.63 -7.99
C ARG A 249 22.56 22.88 -6.89
N TYR A 250 21.26 22.49 -7.09
CA TYR A 250 20.31 22.71 -6.02
C TYR A 250 20.43 21.76 -4.83
N ASP A 251 21.15 20.66 -5.00
CA ASP A 251 21.42 19.65 -3.98
C ASP A 251 20.22 19.21 -3.16
N LEU A 252 19.09 18.95 -3.86
CA LEU A 252 17.88 18.49 -3.21
C LEU A 252 17.93 17.00 -2.83
N PRO A 253 17.28 16.65 -1.74
CA PRO A 253 17.23 15.26 -1.27
C PRO A 253 16.62 14.34 -2.31
N LYS A 254 17.00 13.05 -2.29
CA LYS A 254 16.51 12.07 -3.24
C LYS A 254 16.18 10.77 -2.50
N PRO A 255 15.18 10.84 -1.66
CA PRO A 255 14.75 9.67 -0.85
C PRO A 255 14.09 8.65 -1.74
N PRO A 256 13.86 7.45 -1.20
CA PRO A 256 13.27 6.38 -1.99
C PRO A 256 11.99 6.73 -2.71
N MET A 257 11.93 6.33 -3.98
CA MET A 257 10.76 6.70 -4.77
C MET A 257 9.56 5.83 -4.50
N GLY A 258 9.67 4.55 -4.24
CA GLY A 258 8.55 3.66 -4.12
C GLY A 258 7.52 3.88 -5.21
N PRO A 259 6.31 3.50 -5.02
CA PRO A 259 5.59 3.57 -3.76
C PRO A 259 5.96 2.30 -2.97
N LEU A 260 5.90 2.46 -1.66
CA LEU A 260 6.12 1.29 -0.79
C LEU A 260 7.35 0.47 -1.10
N PHE A 261 7.24 -0.86 -1.18
CA PHE A 261 8.43 -1.71 -1.24
C PHE A 261 9.24 -1.73 -2.52
N LEU A 262 8.76 -1.05 -3.57
CA LEU A 262 9.50 -1.09 -4.82
C LEU A 262 10.88 -0.51 -4.66
N ALA A 263 11.89 -1.21 -5.17
CA ALA A 263 13.24 -0.65 -5.08
C ALA A 263 13.40 0.51 -6.07
N ASP A 264 14.37 1.38 -5.74
CA ASP A 264 14.71 2.43 -6.68
C ASP A 264 15.24 1.91 -8.00
N PRO B 1 -32.62 -31.49 0.99
CA PRO B 1 -31.53 -31.07 0.07
C PRO B 1 -30.22 -30.96 0.83
N PRO B 2 -29.12 -31.02 0.10
CA PRO B 2 -27.80 -31.01 0.70
C PRO B 2 -27.41 -29.64 1.23
N VAL B 3 -26.58 -29.71 2.25
CA VAL B 3 -26.03 -28.53 2.90
C VAL B 3 -24.57 -28.55 2.46
N TYR B 4 -24.14 -27.53 1.74
CA TYR B 4 -22.78 -27.45 1.24
C TYR B 4 -21.89 -26.71 2.24
N LYS B 5 -20.64 -27.14 2.38
CA LYS B 5 -19.70 -26.38 3.24
C LYS B 5 -18.63 -25.84 2.28
N ILE B 6 -18.42 -24.53 2.32
CA ILE B 6 -17.53 -23.80 1.41
C ILE B 6 -16.48 -22.99 2.16
N ALA B 7 -15.23 -23.00 1.70
CA ALA B 7 -14.13 -22.23 2.23
C ALA B 7 -13.80 -21.08 1.25
N LEU B 8 -13.42 -19.97 1.88
CA LEU B 8 -13.02 -18.81 1.08
C LEU B 8 -11.71 -18.19 1.61
N GLY B 9 -10.86 -17.70 0.68
CA GLY B 9 -9.73 -16.88 1.10
C GLY B 9 -10.20 -15.41 1.11
N ILE B 10 -9.98 -14.73 2.23
CA ILE B 10 -10.44 -13.34 2.33
C ILE B 10 -9.27 -12.41 2.56
N GLU B 11 -9.31 -11.25 1.89
CA GLU B 11 -8.36 -10.18 2.07
C GLU B 11 -9.16 -8.95 2.56
N TYR B 12 -8.52 -8.16 3.40
CA TYR B 12 -9.15 -6.90 3.86
C TYR B 12 -8.14 -5.87 4.37
N ASP B 13 -8.47 -4.62 4.08
CA ASP B 13 -7.89 -3.44 4.72
C ASP B 13 -8.73 -3.29 5.99
N GLY B 14 -8.15 -3.45 7.17
CA GLY B 14 -8.89 -3.38 8.43
C GLY B 14 -9.01 -1.98 9.03
N SER B 15 -8.58 -0.94 8.30
CA SER B 15 -8.56 0.37 8.91
C SER B 15 -9.93 0.98 9.18
N LYS B 16 -10.92 0.65 8.40
CA LYS B 16 -12.24 1.27 8.61
C LYS B 16 -13.14 0.37 9.41
N TYR B 17 -12.64 -0.71 9.98
CA TYR B 17 -13.47 -1.63 10.78
C TYR B 17 -12.92 -1.70 12.20
N TYR B 18 -13.78 -2.20 13.09
CA TYR B 18 -13.42 -2.40 14.49
C TYR B 18 -13.19 -3.87 14.76
N GLY B 19 -12.33 -4.48 13.95
CA GLY B 19 -11.95 -5.87 14.05
C GLY B 19 -12.77 -6.76 13.11
N TRP B 20 -12.34 -8.04 13.18
CA TRP B 20 -13.02 -9.05 12.38
C TRP B 20 -14.41 -9.38 12.93
N GLN B 21 -14.47 -9.66 14.25
CA GLN B 21 -15.66 -10.24 14.81
C GLN B 21 -16.91 -9.40 14.87
N ARG B 22 -17.99 -10.02 14.43
CA ARG B 22 -19.29 -9.34 14.40
C ARG B 22 -19.85 -9.29 15.80
N GLN B 23 -20.47 -8.13 16.06
CA GLN B 23 -21.12 -7.88 17.35
C GLN B 23 -22.08 -6.72 17.11
N ASN B 24 -22.94 -6.41 18.08
CA ASN B 24 -23.95 -5.38 17.94
C ASN B 24 -23.43 -3.98 18.27
N GLU B 25 -22.14 -3.76 18.54
CA GLU B 25 -21.69 -2.42 18.93
C GLU B 25 -21.06 -1.64 17.79
N VAL B 26 -20.10 -2.30 17.11
CA VAL B 26 -19.42 -1.60 16.02
C VAL B 26 -19.25 -2.37 14.72
N ARG B 27 -19.02 -1.71 13.59
CA ARG B 27 -18.79 -2.25 12.28
C ARG B 27 -17.59 -3.20 12.24
N SER B 28 -17.86 -4.36 11.62
CA SER B 28 -16.83 -5.38 11.54
C SER B 28 -16.67 -5.95 10.13
N VAL B 29 -15.52 -6.61 9.94
CA VAL B 29 -15.29 -7.30 8.66
C VAL B 29 -16.29 -8.44 8.48
N GLN B 30 -16.51 -9.28 9.53
CA GLN B 30 -17.40 -10.39 9.46
C GLN B 30 -18.83 -10.00 9.05
N GLU B 31 -19.33 -8.90 9.67
CA GLU B 31 -20.68 -8.49 9.26
C GLU B 31 -20.82 -8.17 7.77
N LYS B 32 -19.85 -7.43 7.19
CA LYS B 32 -19.94 -7.12 5.78
C LYS B 32 -19.85 -8.38 4.93
N LEU B 33 -18.93 -9.29 5.29
CA LEU B 33 -18.82 -10.53 4.56
C LEU B 33 -20.10 -11.37 4.63
N GLU B 34 -20.71 -11.46 5.81
CA GLU B 34 -21.97 -12.21 5.95
C GLU B 34 -23.12 -11.60 5.19
N LYS B 35 -23.14 -10.25 5.15
CA LYS B 35 -24.22 -9.64 4.35
C LYS B 35 -24.04 -9.94 2.89
N ALA B 36 -22.76 -9.87 2.43
CA ALA B 36 -22.57 -10.17 0.98
C ALA B 36 -22.87 -11.61 0.60
N LEU B 37 -22.43 -12.54 1.49
CA LEU B 37 -22.75 -13.95 1.23
C LEU B 37 -24.23 -14.29 1.29
N SER B 38 -24.93 -13.64 2.22
CA SER B 38 -26.38 -13.87 2.30
C SER B 38 -27.10 -13.36 1.05
N GLN B 39 -26.58 -12.26 0.48
CA GLN B 39 -27.24 -11.77 -0.74
C GLN B 39 -27.13 -12.79 -1.87
N VAL B 40 -25.92 -13.38 -2.01
CA VAL B 40 -25.67 -14.36 -3.05
C VAL B 40 -26.44 -15.66 -2.82
N ALA B 41 -26.46 -16.06 -1.54
CA ALA B 41 -27.07 -17.32 -1.17
C ALA B 41 -28.58 -17.28 -1.03
N ASN B 42 -29.17 -16.10 -0.88
CA ASN B 42 -30.60 -15.92 -0.69
C ASN B 42 -31.08 -16.56 0.60
N GLU B 43 -30.22 -16.51 1.63
CA GLU B 43 -30.51 -16.99 2.96
C GLU B 43 -29.47 -16.42 3.92
N PRO B 44 -29.74 -16.38 5.21
CA PRO B 44 -28.80 -15.86 6.18
C PRO B 44 -27.53 -16.70 6.27
N ILE B 45 -26.33 -16.16 6.05
CA ILE B 45 -25.12 -17.01 6.12
C ILE B 45 -24.26 -16.58 7.29
N THR B 46 -23.69 -17.55 8.03
CA THR B 46 -22.78 -17.29 9.12
C THR B 46 -21.40 -17.87 8.74
N VAL B 47 -20.35 -17.04 8.91
CA VAL B 47 -19.00 -17.47 8.63
C VAL B 47 -18.21 -17.72 9.91
N PHE B 48 -17.20 -18.59 9.80
CA PHE B 48 -16.27 -18.98 10.86
C PHE B 48 -14.87 -18.74 10.32
N CYS B 49 -14.03 -18.02 11.03
CA CYS B 49 -12.71 -17.62 10.58
C CYS B 49 -11.55 -18.35 11.23
N ALA B 50 -10.43 -18.42 10.51
CA ALA B 50 -9.22 -19.04 10.99
C ALA B 50 -8.63 -18.32 12.19
N GLY B 51 -8.56 -16.97 12.14
CA GLY B 51 -8.00 -16.20 13.22
C GLY B 51 -8.66 -14.83 13.34
N ARG B 52 -9.37 -14.54 14.39
CA ARG B 52 -9.97 -13.21 14.56
C ARG B 52 -8.85 -12.19 14.67
N THR B 53 -9.04 -11.07 13.95
CA THR B 53 -8.10 -9.95 14.01
C THR B 53 -8.71 -8.74 14.74
N ASP B 54 -7.86 -8.07 15.52
CA ASP B 54 -8.33 -6.92 16.31
C ASP B 54 -8.59 -5.68 15.46
N ALA B 55 -9.13 -4.61 16.05
CA ALA B 55 -9.37 -3.39 15.30
C ALA B 55 -8.10 -2.83 14.66
N GLY B 56 -8.28 -2.53 13.35
CA GLY B 56 -7.16 -1.93 12.62
C GLY B 56 -6.26 -2.93 11.91
N VAL B 57 -6.30 -4.19 12.29
CA VAL B 57 -5.44 -5.22 11.68
C VAL B 57 -6.06 -5.65 10.34
N HIS B 58 -5.15 -5.98 9.40
CA HIS B 58 -5.47 -6.33 8.04
C HIS B 58 -5.26 -7.82 7.82
N GLY B 59 -5.78 -8.25 6.66
CA GLY B 59 -5.59 -9.65 6.29
C GLY B 59 -5.32 -9.85 4.83
N THR B 60 -4.41 -10.74 4.44
CA THR B 60 -4.31 -11.18 3.08
C THR B 60 -4.59 -12.70 3.00
N GLY B 61 -4.33 -13.40 4.12
CA GLY B 61 -4.41 -14.88 4.13
C GLY B 61 -5.52 -15.37 5.03
N GLN B 62 -6.48 -14.54 5.41
CA GLN B 62 -7.60 -15.04 6.21
C GLN B 62 -8.36 -16.12 5.47
N VAL B 63 -8.91 -17.11 6.20
CA VAL B 63 -9.72 -18.15 5.55
C VAL B 63 -11.00 -18.28 6.39
N VAL B 64 -12.13 -18.43 5.73
CA VAL B 64 -13.37 -18.70 6.45
C VAL B 64 -14.02 -19.94 5.84
N HIS B 65 -14.95 -20.52 6.60
CA HIS B 65 -15.86 -21.50 5.99
C HIS B 65 -17.30 -21.02 6.34
N PHE B 66 -18.24 -21.59 5.59
CA PHE B 66 -19.66 -21.35 5.90
C PHE B 66 -20.45 -22.52 5.33
N GLU B 67 -21.68 -22.73 5.82
CA GLU B 67 -22.58 -23.71 5.25
C GLU B 67 -23.72 -22.97 4.52
N THR B 68 -24.22 -23.60 3.46
CA THR B 68 -25.35 -22.99 2.74
C THR B 68 -26.13 -24.10 2.07
N THR B 69 -27.42 -23.87 1.83
CA THR B 69 -28.23 -24.78 1.06
C THR B 69 -28.18 -24.36 -0.41
N ALA B 70 -27.54 -23.21 -0.66
CA ALA B 70 -27.47 -22.71 -2.03
C ALA B 70 -26.40 -23.40 -2.87
N LEU B 71 -26.86 -24.00 -3.96
CA LEU B 71 -25.98 -24.57 -4.98
C LEU B 71 -25.66 -23.48 -5.98
N ARG B 72 -24.36 -23.23 -6.22
CA ARG B 72 -23.92 -22.19 -7.13
C ARG B 72 -22.58 -22.45 -7.81
N LYS B 73 -22.33 -21.77 -8.94
CA LYS B 73 -21.05 -21.89 -9.60
C LYS B 73 -20.02 -21.08 -8.79
N ASP B 74 -18.75 -21.35 -9.04
CA ASP B 74 -17.68 -20.64 -8.32
C ASP B 74 -17.75 -19.14 -8.55
N ALA B 75 -18.28 -18.65 -9.67
CA ALA B 75 -18.44 -17.24 -9.97
C ALA B 75 -19.28 -16.53 -8.91
N ALA B 76 -20.31 -17.18 -8.39
CA ALA B 76 -21.15 -16.54 -7.40
C ALA B 76 -20.44 -16.16 -6.12
N TRP B 77 -19.57 -17.09 -5.71
CA TRP B 77 -18.87 -16.96 -4.45
C TRP B 77 -17.64 -16.07 -4.55
N THR B 78 -17.25 -15.68 -5.76
CA THR B 78 -16.06 -14.87 -5.98
C THR B 78 -16.47 -13.54 -6.61
N LEU B 79 -16.83 -13.54 -7.91
CA LEU B 79 -17.31 -12.29 -8.50
C LEU B 79 -18.55 -11.76 -7.80
N GLY B 80 -19.52 -12.65 -7.54
CA GLY B 80 -20.78 -12.27 -6.94
C GLY B 80 -20.62 -11.69 -5.54
N VAL B 81 -19.88 -12.39 -4.66
CA VAL B 81 -19.67 -11.84 -3.32
C VAL B 81 -18.93 -10.50 -3.41
N ASN B 82 -17.87 -10.45 -4.25
CA ASN B 82 -17.09 -9.21 -4.36
C ASN B 82 -17.92 -8.03 -4.87
N ALA B 83 -18.89 -8.31 -5.77
CA ALA B 83 -19.76 -7.21 -6.21
C ALA B 83 -20.63 -6.65 -5.09
N ASN B 84 -20.95 -7.48 -4.10
CA ASN B 84 -21.74 -7.09 -2.94
C ASN B 84 -20.91 -6.58 -1.78
N LEU B 85 -19.61 -6.73 -1.76
CA LEU B 85 -18.77 -6.27 -0.68
C LEU B 85 -18.26 -4.82 -0.90
N PRO B 86 -17.94 -4.14 0.20
CA PRO B 86 -17.27 -2.84 0.10
C PRO B 86 -15.90 -3.03 -0.58
N GLY B 87 -15.26 -1.97 -1.07
CA GLY B 87 -14.02 -2.05 -1.80
C GLY B 87 -12.80 -2.43 -0.97
N ASP B 88 -12.90 -2.42 0.33
CA ASP B 88 -11.79 -2.74 1.24
C ASP B 88 -11.88 -4.17 1.79
N ILE B 89 -12.77 -5.01 1.23
CA ILE B 89 -12.83 -6.44 1.58
C ILE B 89 -12.92 -7.19 0.25
N ALA B 90 -12.28 -8.36 0.09
CA ALA B 90 -12.42 -9.12 -1.13
C ALA B 90 -12.19 -10.64 -0.92
N VAL B 91 -12.92 -11.40 -1.70
CA VAL B 91 -12.63 -12.84 -1.81
C VAL B 91 -11.47 -13.03 -2.78
N ARG B 92 -10.51 -13.90 -2.41
CA ARG B 92 -9.38 -14.25 -3.26
C ARG B 92 -9.64 -15.57 -3.98
N TRP B 93 -10.42 -16.48 -3.37
CA TRP B 93 -10.65 -17.79 -3.98
C TRP B 93 -11.76 -18.52 -3.23
N VAL B 94 -12.36 -19.49 -3.88
CA VAL B 94 -13.37 -20.34 -3.26
C VAL B 94 -13.00 -21.82 -3.42
N LYS B 95 -13.32 -22.64 -2.41
CA LYS B 95 -13.10 -24.08 -2.55
C LYS B 95 -14.19 -24.80 -1.78
N THR B 96 -14.95 -25.72 -2.38
CA THR B 96 -15.93 -26.49 -1.59
C THR B 96 -15.13 -27.49 -0.79
N VAL B 97 -15.44 -27.77 0.46
CA VAL B 97 -14.65 -28.61 1.34
C VAL B 97 -15.54 -29.65 1.99
N PRO B 98 -14.94 -30.73 2.49
CA PRO B 98 -15.73 -31.72 3.22
C PRO B 98 -16.36 -31.22 4.49
N ASP B 99 -17.36 -31.94 5.03
CA ASP B 99 -18.08 -31.59 6.23
C ASP B 99 -17.12 -31.53 7.42
N ASP B 100 -16.02 -32.27 7.43
CA ASP B 100 -15.14 -32.23 8.59
C ASP B 100 -14.20 -31.04 8.61
N PHE B 101 -14.22 -30.18 7.58
CA PHE B 101 -13.38 -28.96 7.63
C PHE B 101 -13.92 -27.90 8.56
N HIS B 102 -13.04 -27.21 9.28
CA HIS B 102 -13.44 -26.09 10.13
C HIS B 102 -12.34 -25.05 9.98
N ALA B 103 -12.67 -23.83 9.53
CA ALA B 103 -11.63 -22.84 9.30
C ALA B 103 -10.76 -22.58 10.53
N ARG B 104 -11.30 -22.70 11.75
CA ARG B 104 -10.49 -22.49 12.94
C ARG B 104 -9.86 -23.83 13.38
N PHE B 105 -10.76 -24.82 13.57
CA PHE B 105 -10.23 -26.03 14.23
C PHE B 105 -9.40 -26.95 13.39
N SER B 106 -9.49 -26.83 12.04
CA SER B 106 -8.66 -27.58 11.11
C SER B 106 -7.27 -26.92 10.91
N ALA B 107 -7.14 -25.66 11.29
CA ALA B 107 -5.89 -24.94 11.07
C ALA B 107 -4.83 -25.41 12.07
N THR B 108 -3.59 -25.49 11.59
CA THR B 108 -2.51 -25.91 12.47
C THR B 108 -1.48 -24.80 12.67
N ALA B 109 -1.49 -23.70 11.93
CA ALA B 109 -0.56 -22.63 12.23
C ALA B 109 -1.09 -21.36 11.56
N ARG B 110 -0.64 -20.21 12.09
CA ARG B 110 -0.96 -18.94 11.46
C ARG B 110 0.33 -18.11 11.32
N ARG B 111 0.38 -17.26 10.31
CA ARG B 111 1.56 -16.48 10.02
C ARG B 111 1.12 -15.01 9.74
N TYR B 112 1.92 -14.13 10.35
CA TYR B 112 1.69 -12.70 10.27
C TYR B 112 2.93 -11.94 9.77
N ARG B 113 2.64 -10.83 9.04
CA ARG B 113 3.73 -9.95 8.65
C ARG B 113 3.43 -8.58 9.26
N TYR B 114 4.40 -7.90 9.81
CA TYR B 114 4.22 -6.60 10.47
C TYR B 114 5.11 -5.60 9.73
N ILE B 115 4.50 -4.55 9.19
CA ILE B 115 5.18 -3.61 8.32
C ILE B 115 5.45 -2.29 9.05
N ILE B 116 6.73 -2.00 9.26
CA ILE B 116 7.08 -0.74 9.94
C ILE B 116 7.67 0.19 8.89
N TYR B 117 7.25 1.44 8.87
CA TYR B 117 7.85 2.51 8.04
C TYR B 117 8.78 3.31 8.96
N ASN B 118 10.07 3.23 8.72
CA ASN B 118 11.04 3.80 9.65
C ASN B 118 11.66 5.09 9.13
N HIS B 119 11.22 6.21 9.68
CA HIS B 119 11.74 7.52 9.24
C HIS B 119 11.39 8.49 10.33
N ARG B 120 12.11 9.62 10.41
CA ARG B 120 11.72 10.67 11.32
C ARG B 120 10.32 11.16 10.98
N LEU B 121 9.98 11.33 9.70
CA LEU B 121 8.70 11.88 9.31
C LEU B 121 7.70 10.82 8.89
N ARG B 122 6.44 11.01 9.26
CA ARG B 122 5.46 9.96 8.99
C ARG B 122 5.14 9.78 7.51
N PRO B 123 4.69 8.60 7.11
CA PRO B 123 4.33 8.37 5.72
C PRO B 123 2.92 8.81 5.39
N ALA B 124 2.67 9.10 4.10
CA ALA B 124 1.30 9.40 3.70
C ALA B 124 0.70 8.28 2.86
N VAL B 125 1.52 7.53 2.14
CA VAL B 125 1.00 6.40 1.31
C VAL B 125 0.78 5.19 2.23
N LEU B 126 -0.38 4.57 2.20
CA LEU B 126 -0.72 3.46 3.06
C LEU B 126 -0.55 3.84 4.51
N SER B 127 -0.96 5.06 4.92
CA SER B 127 -0.73 5.54 6.28
C SER B 127 -1.41 4.70 7.38
N LYS B 128 -2.51 4.04 7.09
CA LYS B 128 -3.15 3.19 8.08
C LYS B 128 -2.85 1.71 7.78
N GLY B 129 -1.86 1.44 6.93
CA GLY B 129 -1.49 0.06 6.63
C GLY B 129 -0.04 -0.24 6.95
N VAL B 130 0.69 0.68 7.60
CA VAL B 130 2.07 0.56 8.02
C VAL B 130 2.14 1.22 9.41
N THR B 131 3.08 0.80 10.24
CA THR B 131 3.30 1.45 11.53
C THR B 131 4.53 2.33 11.44
N HIS B 132 4.34 3.62 11.70
CA HIS B 132 5.44 4.58 11.72
C HIS B 132 6.24 4.43 13.03
N PHE B 133 7.53 4.27 12.86
CA PHE B 133 8.44 4.19 14.00
C PHE B 133 9.49 5.26 13.75
N TYR B 134 9.63 6.22 14.65
CA TYR B 134 10.47 7.41 14.48
C TYR B 134 11.97 7.28 14.58
N GLU B 135 12.51 6.66 15.63
CA GLU B 135 13.95 6.53 15.80
C GLU B 135 14.47 5.44 14.88
N PRO B 136 15.70 5.51 14.42
CA PRO B 136 16.25 4.52 13.50
C PRO B 136 16.28 3.12 14.09
N LEU B 137 15.97 2.12 13.30
CA LEU B 137 15.89 0.73 13.65
C LEU B 137 16.98 -0.08 12.94
N ASP B 138 17.62 -0.96 13.69
CA ASP B 138 18.65 -1.86 13.14
C ASP B 138 17.92 -3.19 12.91
N ALA B 139 17.53 -3.49 11.69
CA ALA B 139 16.78 -4.70 11.38
C ALA B 139 17.57 -5.99 11.60
N GLU B 140 18.88 -5.97 11.34
CA GLU B 140 19.68 -7.20 11.52
C GLU B 140 19.78 -7.59 12.97
N ARG B 141 19.95 -6.60 13.84
CA ARG B 141 19.97 -6.78 15.27
C ARG B 141 18.63 -7.29 15.78
N MET B 142 17.52 -6.77 15.21
CA MET B 142 16.20 -7.31 15.59
C MET B 142 16.10 -8.77 15.15
N HIS B 143 16.58 -9.08 13.95
CA HIS B 143 16.51 -10.46 13.45
C HIS B 143 17.24 -11.44 14.37
N ARG B 144 18.53 -11.10 14.57
CA ARG B 144 19.34 -11.97 15.45
C ARG B 144 18.70 -12.04 16.81
N ALA B 145 18.22 -11.00 17.47
CA ALA B 145 17.55 -11.05 18.75
C ALA B 145 16.28 -11.89 18.80
N ALA B 146 15.59 -12.03 17.66
CA ALA B 146 14.34 -12.77 17.66
C ALA B 146 14.53 -14.28 17.54
N GLN B 147 15.69 -14.78 17.14
CA GLN B 147 15.82 -16.21 16.89
C GLN B 147 15.63 -17.08 18.12
N CYS B 148 15.88 -16.58 19.31
CA CYS B 148 15.67 -17.28 20.55
C CYS B 148 14.21 -17.62 20.79
N LEU B 149 13.25 -16.95 20.13
CA LEU B 149 11.84 -17.28 20.26
C LEU B 149 11.44 -18.56 19.53
N LEU B 150 12.33 -19.09 18.68
CA LEU B 150 11.93 -20.32 18.00
C LEU B 150 11.65 -21.47 18.94
N GLY B 151 10.68 -22.29 18.49
CA GLY B 151 10.28 -23.50 19.18
C GLY B 151 9.23 -23.29 20.26
N GLU B 152 9.04 -24.34 21.07
CA GLU B 152 8.13 -24.34 22.19
C GLU B 152 8.62 -23.39 23.27
N ASN B 153 7.85 -22.40 23.70
CA ASN B 153 8.35 -21.48 24.71
C ASN B 153 7.20 -20.88 25.50
N ASP B 154 7.48 -20.46 26.73
CA ASP B 154 6.53 -19.81 27.61
C ASP B 154 6.53 -18.34 27.19
N PHE B 155 5.43 -17.88 26.60
CA PHE B 155 5.34 -16.49 26.11
C PHE B 155 4.67 -15.54 27.09
N THR B 156 4.79 -15.82 28.40
CA THR B 156 4.22 -15.01 29.46
C THR B 156 4.70 -13.57 29.35
N SER B 157 5.95 -13.30 28.97
CA SER B 157 6.40 -11.91 28.88
C SER B 157 5.78 -11.16 27.69
N PHE B 158 5.20 -11.84 26.72
CA PHE B 158 4.55 -11.20 25.57
C PHE B 158 3.07 -11.42 25.56
N ARG B 159 2.47 -11.74 26.70
CA ARG B 159 1.06 -12.06 26.81
C ARG B 159 0.23 -10.93 27.40
N ALA B 160 -0.90 -10.57 26.81
CA ALA B 160 -1.73 -9.51 27.39
C ALA B 160 -2.48 -9.97 28.62
N VAL B 161 -2.78 -9.06 29.56
CA VAL B 161 -3.54 -9.45 30.74
C VAL B 161 -4.94 -9.96 30.40
N GLN B 162 -5.53 -9.55 29.28
CA GLN B 162 -6.84 -10.07 28.93
C GLN B 162 -6.86 -11.47 28.34
N CYS B 163 -5.77 -12.13 27.97
CA CYS B 163 -5.84 -13.48 27.38
C CYS B 163 -6.51 -14.49 28.27
N GLN B 164 -7.46 -15.30 27.83
CA GLN B 164 -8.06 -16.30 28.71
C GLN B 164 -7.50 -17.71 28.52
N SER B 165 -6.45 -17.95 27.74
CA SER B 165 -6.00 -19.35 27.60
C SER B 165 -5.51 -19.85 28.95
N ARG B 166 -5.51 -21.17 29.24
CA ARG B 166 -4.95 -21.45 30.56
C ARG B 166 -3.46 -21.73 30.46
N THR B 167 -2.85 -21.80 29.28
CA THR B 167 -1.40 -21.97 29.24
C THR B 167 -0.79 -20.89 28.36
N PRO B 168 0.37 -20.35 28.70
CA PRO B 168 1.05 -19.35 27.88
C PRO B 168 2.03 -19.91 26.87
N TRP B 169 2.12 -21.24 26.78
CA TRP B 169 3.09 -21.92 25.93
C TRP B 169 2.62 -22.01 24.48
N ARG B 170 3.45 -21.64 23.53
CA ARG B 170 3.16 -21.78 22.10
C ARG B 170 4.42 -22.19 21.37
N ASN B 171 4.34 -22.59 20.11
CA ASN B 171 5.49 -23.00 19.32
C ASN B 171 5.69 -22.05 18.14
N VAL B 172 6.74 -21.24 18.15
CA VAL B 172 7.04 -20.36 17.01
C VAL B 172 7.87 -21.12 16.01
N MET B 173 7.39 -21.29 14.82
CA MET B 173 7.91 -22.04 13.72
C MET B 173 8.90 -21.26 12.88
N HIS B 174 8.75 -19.92 12.92
CA HIS B 174 9.79 -19.15 12.27
C HIS B 174 9.58 -17.66 12.59
N ILE B 175 10.71 -16.99 12.45
CA ILE B 175 10.69 -15.55 12.72
C ILE B 175 11.81 -14.95 11.92
N ASN B 176 11.45 -13.85 11.23
CA ASN B 176 12.45 -13.19 10.40
C ASN B 176 12.21 -11.69 10.43
N VAL B 177 13.31 -10.94 10.46
CA VAL B 177 13.16 -9.48 10.43
C VAL B 177 14.07 -9.03 9.28
N THR B 178 13.49 -8.31 8.34
CA THR B 178 14.25 -7.85 7.20
C THR B 178 13.94 -6.40 6.84
N ARG B 179 14.94 -5.67 6.36
CA ARG B 179 14.71 -4.32 5.85
C ARG B 179 14.53 -4.31 4.34
N HIS B 180 13.59 -3.50 3.87
CA HIS B 180 13.24 -3.27 2.48
C HIS B 180 13.18 -1.75 2.31
N GLY B 181 14.29 -1.12 1.89
CA GLY B 181 14.26 0.36 1.80
C GLY B 181 14.03 0.94 3.19
N PRO B 182 13.07 1.85 3.35
CA PRO B 182 12.80 2.47 4.63
C PRO B 182 11.88 1.60 5.50
N TYR B 183 11.50 0.44 4.98
CA TYR B 183 10.62 -0.43 5.75
C TYR B 183 11.34 -1.54 6.50
N VAL B 184 10.82 -1.92 7.65
CA VAL B 184 11.35 -3.05 8.41
C VAL B 184 10.14 -3.99 8.54
N VAL B 185 10.31 -5.25 8.15
CA VAL B 185 9.21 -6.22 8.16
C VAL B 185 9.48 -7.38 9.11
N VAL B 186 8.57 -7.65 10.02
CA VAL B 186 8.66 -8.79 10.94
C VAL B 186 7.74 -9.87 10.41
N ASP B 187 8.27 -11.08 10.26
CA ASP B 187 7.49 -12.19 9.70
C ASP B 187 7.48 -13.28 10.76
N ILE B 188 6.34 -13.64 11.32
CA ILE B 188 6.30 -14.63 12.41
C ILE B 188 5.19 -15.62 12.19
N LYS B 189 5.50 -16.90 12.42
CA LYS B 189 4.58 -18.00 12.25
C LYS B 189 4.56 -18.85 13.52
N ALA B 190 3.41 -19.27 13.99
CA ALA B 190 3.36 -20.16 15.17
C ALA B 190 2.13 -21.06 15.06
N ASN B 191 2.08 -22.07 15.94
CA ASN B 191 0.89 -22.94 15.92
C ASN B 191 -0.34 -22.12 16.29
N ALA B 192 -0.19 -21.26 17.28
CA ALA B 192 -1.26 -20.44 17.84
C ALA B 192 -0.57 -19.31 18.62
N PHE B 193 -1.36 -18.28 18.93
CA PHE B 193 -0.86 -17.08 19.58
C PHE B 193 -1.66 -16.73 20.83
N VAL B 194 -0.94 -16.30 21.88
CA VAL B 194 -1.64 -15.83 23.08
C VAL B 194 -2.10 -14.42 22.73
N HIS B 195 -2.99 -13.85 23.54
CA HIS B 195 -3.55 -12.55 23.22
C HIS B 195 -2.48 -11.47 23.12
N HIS B 196 -2.46 -10.83 21.96
CA HIS B 196 -1.52 -9.80 21.56
C HIS B 196 -0.07 -10.25 21.50
N MET B 197 0.20 -11.56 21.34
CA MET B 197 1.57 -12.04 21.25
C MET B 197 2.40 -11.40 20.15
N VAL B 198 1.83 -11.27 18.93
CA VAL B 198 2.62 -10.73 17.82
C VAL B 198 3.01 -9.27 18.05
N ARG B 199 2.01 -8.45 18.39
CA ARG B 199 2.29 -7.04 18.62
C ARG B 199 3.14 -6.82 19.88
N ASN B 200 3.03 -7.69 20.87
CA ASN B 200 3.91 -7.61 22.06
C ASN B 200 5.35 -7.90 21.71
N ILE B 201 5.57 -8.95 20.89
CA ILE B 201 6.87 -9.34 20.39
C ILE B 201 7.48 -8.25 19.52
N VAL B 202 6.71 -7.67 18.60
CA VAL B 202 7.18 -6.61 17.76
C VAL B 202 7.53 -5.36 18.60
N GLY B 203 6.69 -5.06 19.59
CA GLY B 203 6.96 -3.88 20.42
C GLY B 203 8.31 -3.98 21.10
N SER B 204 8.63 -5.16 21.65
CA SER B 204 9.93 -5.36 22.26
C SER B 204 11.04 -5.43 21.23
N LEU B 205 10.87 -6.09 20.06
CA LEU B 205 11.93 -6.08 19.06
C LEU B 205 12.27 -4.65 18.59
N MET B 206 11.24 -3.79 18.59
CA MET B 206 11.43 -2.39 18.25
C MET B 206 12.37 -1.68 19.24
N GLU B 207 12.23 -1.96 20.53
CA GLU B 207 13.15 -1.34 21.49
C GLU B 207 14.56 -1.85 21.31
N VAL B 208 14.72 -3.16 21.02
CA VAL B 208 16.02 -3.70 20.68
C VAL B 208 16.53 -3.04 19.41
N GLY B 209 15.76 -2.91 18.32
CA GLY B 209 16.22 -2.30 17.09
C GLY B 209 16.62 -0.84 17.24
N ALA B 210 15.98 -0.09 18.12
CA ALA B 210 16.34 1.31 18.31
C ALA B 210 17.55 1.46 19.22
N HIS B 211 18.04 0.35 19.78
CA HIS B 211 19.18 0.34 20.71
C HIS B 211 18.84 0.90 22.07
N ASN B 212 17.56 0.88 22.43
CA ASN B 212 17.09 1.19 23.76
C ASN B 212 17.32 -0.05 24.64
N GLN B 213 17.47 -1.25 24.10
CA GLN B 213 17.68 -2.49 24.85
C GLN B 213 18.71 -3.33 24.13
N PRO B 214 19.45 -4.23 24.81
CA PRO B 214 20.42 -5.05 24.11
C PRO B 214 19.82 -6.13 23.23
N GLU B 215 20.68 -6.62 22.34
CA GLU B 215 20.39 -7.74 21.46
C GLU B 215 19.92 -8.96 22.24
N SER B 216 20.50 -9.27 23.41
CA SER B 216 20.03 -10.37 24.22
C SER B 216 18.79 -10.09 25.03
N TRP B 217 18.16 -8.90 24.99
CA TRP B 217 16.98 -8.60 25.79
C TRP B 217 15.78 -9.51 25.57
N ILE B 218 15.59 -10.04 24.35
CA ILE B 218 14.43 -10.91 24.11
C ILE B 218 14.62 -12.22 24.86
N ALA B 219 15.85 -12.76 24.85
CA ALA B 219 16.19 -13.98 25.60
C ALA B 219 15.99 -13.72 27.09
N GLU B 220 16.46 -12.54 27.52
CA GLU B 220 16.25 -12.08 28.86
C GLU B 220 14.81 -11.96 29.24
N LEU B 221 13.92 -11.34 28.44
CA LEU B 221 12.51 -11.24 28.78
C LEU B 221 11.80 -12.58 28.84
N LEU B 222 12.20 -13.44 27.90
CA LEU B 222 11.63 -14.77 27.80
C LEU B 222 11.91 -15.49 29.14
N ALA B 223 13.19 -15.46 29.54
CA ALA B 223 13.64 -16.10 30.75
C ALA B 223 13.01 -15.49 31.99
N ALA B 224 12.92 -14.16 32.03
CA ALA B 224 12.33 -13.52 33.20
C ALA B 224 10.83 -13.63 33.31
N LYS B 225 10.05 -14.10 32.36
CA LYS B 225 8.61 -14.26 32.52
C LYS B 225 7.74 -13.22 33.18
N ASP B 226 7.81 -11.96 32.75
CA ASP B 226 6.95 -10.94 33.34
C ASP B 226 6.57 -9.90 32.30
N ARG B 227 5.30 -9.83 31.89
CA ARG B 227 4.93 -8.86 30.85
C ARG B 227 5.15 -7.41 31.24
N THR B 228 5.11 -7.04 32.53
CA THR B 228 5.39 -5.66 32.90
C THR B 228 6.80 -5.26 32.51
N LEU B 229 7.76 -6.17 32.38
CA LEU B 229 9.11 -5.77 32.00
C LEU B 229 9.27 -5.55 30.51
N ALA B 230 8.27 -5.96 29.71
CA ALA B 230 8.39 -5.83 28.26
C ALA B 230 7.81 -4.55 27.69
N ALA B 231 8.23 -4.20 26.47
CA ALA B 231 7.76 -2.98 25.80
C ALA B 231 6.27 -2.86 25.56
N ALA B 232 5.74 -1.64 25.34
CA ALA B 232 4.31 -1.54 25.09
C ALA B 232 3.94 -2.30 23.79
N THR B 233 2.71 -2.73 23.69
CA THR B 233 2.19 -3.36 22.49
C THR B 233 2.33 -2.44 21.28
N ALA B 234 2.85 -3.01 20.20
CA ALA B 234 3.06 -2.27 18.95
C ALA B 234 1.69 -1.91 18.37
N LYS B 235 1.64 -0.84 17.57
CA LYS B 235 0.36 -0.43 16.97
C LYS B 235 -0.27 -1.47 16.06
N ALA B 236 -1.59 -1.39 15.96
CA ALA B 236 -2.29 -2.35 15.12
C ALA B 236 -2.10 -2.17 13.63
N GLU B 237 -1.90 -0.93 13.15
CA GLU B 237 -2.00 -0.70 11.72
C GLU B 237 -0.99 -1.34 10.81
N GLY B 238 0.17 -1.75 11.33
CA GLY B 238 1.13 -2.47 10.50
C GLY B 238 0.90 -3.99 10.49
N LEU B 239 -0.08 -4.56 11.14
CA LEU B 239 -0.15 -6.03 11.22
C LEU B 239 -1.03 -6.62 10.14
N TYR B 240 -0.53 -7.67 9.48
CA TYR B 240 -1.31 -8.42 8.49
C TYR B 240 -1.34 -9.94 8.79
N LEU B 241 -2.51 -10.55 8.79
CA LEU B 241 -2.58 -12.04 8.84
C LEU B 241 -2.34 -12.49 7.40
N VAL B 242 -1.20 -13.19 7.13
CA VAL B 242 -0.87 -13.51 5.72
C VAL B 242 -0.96 -14.99 5.34
N ALA B 243 -1.04 -15.95 6.25
CA ALA B 243 -1.20 -17.35 5.80
C ALA B 243 -1.71 -18.19 6.96
N VAL B 244 -2.50 -19.20 6.61
CA VAL B 244 -3.00 -20.16 7.60
C VAL B 244 -2.67 -21.56 7.05
N ASP B 245 -2.08 -22.43 7.89
CA ASP B 245 -1.81 -23.78 7.40
C ASP B 245 -2.96 -24.75 7.72
N TYR B 246 -3.25 -25.59 6.73
CA TYR B 246 -4.27 -26.65 6.87
C TYR B 246 -3.67 -27.94 6.27
N PRO B 247 -4.20 -29.08 6.71
CA PRO B 247 -3.74 -30.34 6.11
C PRO B 247 -3.89 -30.30 4.61
N ASP B 248 -2.89 -30.95 3.97
CA ASP B 248 -2.83 -31.00 2.52
C ASP B 248 -4.02 -31.71 1.91
N ARG B 249 -4.70 -32.62 2.60
CA ARG B 249 -5.89 -33.27 2.04
C ARG B 249 -6.99 -32.29 1.66
N TYR B 250 -6.99 -31.07 2.27
CA TYR B 250 -8.03 -30.13 1.86
C TYR B 250 -7.70 -29.41 0.57
N ASP B 251 -6.45 -29.43 0.13
CA ASP B 251 -5.99 -28.84 -1.12
C ASP B 251 -6.42 -27.37 -1.32
N LEU B 252 -6.21 -26.57 -0.27
CA LEU B 252 -6.65 -25.17 -0.41
C LEU B 252 -5.60 -24.38 -1.18
N PRO B 253 -6.08 -23.40 -1.96
CA PRO B 253 -5.21 -22.51 -2.71
C PRO B 253 -4.22 -21.78 -1.81
N LYS B 254 -3.05 -21.42 -2.35
CA LYS B 254 -2.02 -20.70 -1.62
C LYS B 254 -1.49 -19.56 -2.49
N PRO B 255 -2.28 -18.52 -2.70
CA PRO B 255 -1.83 -17.36 -3.49
C PRO B 255 -0.85 -16.53 -2.68
N PRO B 256 -0.23 -15.54 -3.31
CA PRO B 256 0.84 -14.77 -2.66
C PRO B 256 0.43 -14.15 -1.34
N MET B 257 1.33 -14.21 -0.36
CA MET B 257 1.12 -13.66 0.97
C MET B 257 1.13 -12.14 1.00
N GLY B 258 2.08 -11.53 0.31
CA GLY B 258 2.22 -10.10 0.43
C GLY B 258 2.54 -9.48 1.75
N PRO B 259 1.77 -8.52 2.21
CA PRO B 259 1.03 -7.55 1.47
C PRO B 259 1.70 -6.93 0.26
N LEU B 260 0.87 -6.69 -0.76
CA LEU B 260 1.42 -5.96 -1.92
C LEU B 260 2.70 -6.53 -2.49
N PHE B 261 3.72 -5.74 -2.75
CA PHE B 261 4.89 -6.21 -3.52
C PHE B 261 5.87 -7.12 -2.86
N LEU B 262 5.71 -7.47 -1.59
CA LEU B 262 6.66 -8.41 -0.99
C LEU B 262 6.56 -9.79 -1.60
N ALA B 263 7.70 -10.49 -1.72
CA ALA B 263 7.70 -11.86 -2.19
C ALA B 263 7.30 -12.90 -1.17
N ASP B 264 6.84 -14.05 -1.64
CA ASP B 264 6.59 -15.12 -0.67
C ASP B 264 7.92 -15.55 -0.04
#